data_9GQ4
#
_entry.id   9GQ4
#
_cell.length_a   48.667
_cell.length_b   48.667
_cell.length_c   192.723
_cell.angle_alpha   90
_cell.angle_beta   90
_cell.angle_gamma   120
#
_symmetry.space_group_name_H-M   'P 32 2 1'
#
loop_
_entity.id
_entity.type
_entity.pdbx_description
1 polymer 'Peptidyl-prolyl cis-trans isomerase FKBP5'
2 non-polymer (2~{S},9~{S},16~{E})-2-cyclohexyl-21,24-dimethoxy-11,14,19-trioxa-4-azatricyclo[18.2.2.0^{4,9}]tetracosa-1(23),16,20(24),21-tetraene-3,10-dione
3 water water
#
_entity_poly.entity_id   1
_entity_poly.type   'polypeptide(L)'
_entity_poly.pdbx_seq_one_letter_code
;GAPATVTEQGEDITSKKDRGVLKIVKRVGNGEETPMIGDKVYVHYKGKLSNGKKFDSSHDRNEPFVFSLGKGQVIKAWDI
GVATMKKGEIAHLLIKPEYAYGSAGSLPKIPSNATLFFEIELLDFKGE
;
_entity_poly.pdbx_strand_id   A,B
#
loop_
_chem_comp.id
_chem_comp.type
_chem_comp.name
_chem_comp.formula
A1IN2 non-polymer (2~{S},9~{S},16~{E})-2-cyclohexyl-21,24-dimethoxy-11,14,19-trioxa-4-azatricyclo[18.2.2.0^{4,9}]tetracosa-1(23),16,20(24),21-tetraene-3,10-dione 'C28 H39 N O7'
#
# COMPACT_ATOMS: atom_id res chain seq x y z
N THR A 5 31.02 6.96 0.51
CA THR A 5 29.93 5.98 0.27
C THR A 5 28.90 6.58 -0.71
N VAL A 6 28.14 5.66 -1.35
CA VAL A 6 27.06 5.99 -2.28
C VAL A 6 25.72 5.58 -1.68
N THR A 7 24.63 6.26 -2.12
CA THR A 7 23.29 5.93 -1.63
C THR A 7 22.95 4.49 -1.99
N GLU A 8 23.13 4.12 -3.27
CA GLU A 8 22.66 2.82 -3.73
C GLU A 8 23.73 1.73 -3.52
N GLN A 9 24.15 1.57 -2.27
CA GLN A 9 25.10 0.52 -1.88
C GLN A 9 24.35 -0.65 -1.23
N GLY A 10 25.03 -1.80 -1.17
CA GLY A 10 24.48 -3.01 -0.62
C GLY A 10 24.27 -4.00 -1.74
N GLU A 11 24.05 -5.24 -1.30
CA GLU A 11 23.82 -6.36 -2.18
C GLU A 11 22.39 -6.26 -2.67
N ASP A 12 22.21 -6.36 -3.98
CA ASP A 12 20.87 -6.46 -4.49
C ASP A 12 20.34 -7.85 -4.18
N ILE A 13 19.34 -7.93 -3.31
CA ILE A 13 18.80 -9.24 -2.92
C ILE A 13 17.44 -9.51 -3.57
N THR A 14 17.04 -8.71 -4.56
CA THR A 14 15.80 -8.97 -5.29
C THR A 14 16.00 -10.11 -6.29
N SER A 15 14.92 -10.82 -6.65
CA SER A 15 14.98 -11.87 -7.66
C SER A 15 15.14 -11.30 -9.07
N LYS A 16 14.49 -10.17 -9.29
CA LYS A 16 14.52 -9.49 -10.58
C LYS A 16 15.83 -8.74 -10.79
N LYS A 17 16.62 -8.53 -9.71
CA LYS A 17 17.88 -7.80 -9.80
C LYS A 17 17.68 -6.39 -10.34
N ASP A 18 16.78 -5.65 -9.71
CA ASP A 18 16.44 -4.29 -10.13
C ASP A 18 16.95 -3.28 -9.11
N ARG A 19 17.79 -3.75 -8.17
CA ARG A 19 18.37 -2.95 -7.09
C ARG A 19 17.30 -2.27 -6.25
N GLY A 20 16.12 -2.92 -6.15
CA GLY A 20 15.01 -2.43 -5.37
C GLY A 20 15.16 -2.59 -3.88
N VAL A 21 15.96 -3.59 -3.46
CA VAL A 21 16.22 -3.82 -2.07
C VAL A 21 17.73 -4.05 -1.98
N LEU A 22 18.45 -3.14 -1.30
CA LEU A 22 19.87 -3.26 -1.10
C LEU A 22 20.16 -3.54 0.38
N LYS A 23 21.02 -4.57 0.64
CA LYS A 23 21.31 -5.02 1.97
C LYS A 23 22.80 -4.88 2.32
N ILE A 24 23.06 -4.32 3.52
CA ILE A 24 24.38 -4.37 4.12
C ILE A 24 24.37 -5.13 5.44
N VAL A 25 25.28 -6.12 5.59
CA VAL A 25 25.36 -6.81 6.84
C VAL A 25 26.22 -5.95 7.76
N LYS A 26 25.66 -5.52 8.89
CA LYS A 26 26.41 -4.70 9.84
C LYS A 26 26.95 -5.51 11.01
N ARG A 27 26.28 -6.59 11.41
CA ARG A 27 26.82 -7.46 12.45
C ARG A 27 26.57 -8.86 11.97
N VAL A 28 27.63 -9.68 11.84
CA VAL A 28 27.46 -11.04 11.36
C VAL A 28 26.79 -11.89 12.44
N GLY A 29 25.95 -12.83 11.98
CA GLY A 29 25.20 -13.71 12.85
C GLY A 29 25.90 -15.07 13.01
N ASN A 30 25.23 -15.90 13.79
CA ASN A 30 25.78 -17.19 14.20
C ASN A 30 24.92 -18.28 13.59
N GLY A 31 25.54 -19.45 13.39
CA GLY A 31 24.86 -20.58 12.78
C GLY A 31 24.65 -20.37 11.29
N GLU A 32 24.44 -21.47 10.56
CA GLU A 32 24.41 -21.44 9.10
C GLU A 32 22.96 -21.35 8.60
N GLU A 33 21.95 -21.56 9.48
CA GLU A 33 20.55 -21.52 9.09
C GLU A 33 20.03 -20.08 8.96
N THR A 34 19.38 -19.81 7.83
CA THR A 34 18.50 -18.64 7.69
C THR A 34 17.07 -19.16 7.78
N PRO A 35 16.06 -18.33 8.10
CA PRO A 35 14.70 -18.84 8.24
C PRO A 35 14.10 -19.32 6.91
N MET A 36 13.18 -20.28 7.07
CA MET A 36 12.39 -20.88 6.00
C MET A 36 11.09 -20.08 5.88
N ILE A 37 10.49 -20.12 4.67
CA ILE A 37 9.19 -19.50 4.48
C ILE A 37 8.22 -20.17 5.47
N GLY A 38 7.45 -19.34 6.19
CA GLY A 38 6.47 -19.84 7.15
C GLY A 38 7.00 -19.86 8.59
N ASP A 39 8.31 -19.73 8.78
CA ASP A 39 8.85 -19.67 10.13
C ASP A 39 8.29 -18.44 10.84
N LYS A 40 8.00 -18.58 12.15
CA LYS A 40 7.76 -17.42 13.00
C LYS A 40 9.10 -16.76 13.28
N VAL A 41 9.20 -15.44 13.04
CA VAL A 41 10.45 -14.71 13.16
C VAL A 41 10.34 -13.62 14.22
N TYR A 42 11.41 -13.43 15.00
CA TYR A 42 11.46 -12.48 16.11
C TYR A 42 12.57 -11.46 15.84
N VAL A 43 12.25 -10.17 15.79
CA VAL A 43 13.24 -9.18 15.42
C VAL A 43 13.14 -7.95 16.31
N HIS A 44 14.23 -7.15 16.30
CA HIS A 44 14.16 -5.75 16.69
C HIS A 44 14.51 -4.93 15.46
N TYR A 45 13.87 -3.77 15.34
CA TYR A 45 14.07 -2.97 14.14
C TYR A 45 13.96 -1.49 14.45
N LYS A 46 14.64 -0.71 13.63
CA LYS A 46 14.48 0.72 13.55
C LYS A 46 14.27 1.11 12.08
N GLY A 47 13.15 1.78 11.79
CA GLY A 47 12.83 2.13 10.43
C GLY A 47 12.57 3.62 10.27
N LYS A 48 12.74 4.10 9.04
CA LYS A 48 12.46 5.49 8.76
C LYS A 48 12.17 5.65 7.28
N LEU A 49 11.46 6.75 6.97
CA LEU A 49 11.39 7.23 5.61
C LEU A 49 12.74 7.83 5.28
N SER A 50 13.21 7.69 4.03
CA SER A 50 14.45 8.39 3.67
C SER A 50 14.38 9.92 3.78
N ASN A 51 13.19 10.54 3.71
CA ASN A 51 13.10 11.99 3.83
C ASN A 51 13.28 12.45 5.29
N GLY A 52 13.38 11.50 6.21
CA GLY A 52 13.60 11.74 7.63
C GLY A 52 12.37 12.27 8.37
N LYS A 53 11.17 12.20 7.80
CA LYS A 53 10.05 12.89 8.41
C LYS A 53 9.34 11.94 9.38
N LYS A 54 9.60 10.61 9.27
CA LYS A 54 8.94 9.61 10.11
C LYS A 54 9.90 8.47 10.45
N PHE A 55 9.72 7.96 11.68
CA PHE A 55 10.57 6.98 12.33
C PHE A 55 9.74 6.03 13.18
N ASP A 56 10.16 4.77 13.20
CA ASP A 56 9.41 3.75 13.90
C ASP A 56 10.43 2.76 14.42
N SER A 57 10.21 2.27 15.63
CA SER A 57 11.14 1.31 16.17
C SER A 57 10.37 0.35 17.06
N SER A 58 10.83 -0.90 17.06
CA SER A 58 10.23 -1.91 17.92
C SER A 58 10.35 -1.54 19.41
N HIS A 59 11.45 -0.86 19.75
CA HIS A 59 11.67 -0.35 21.11
C HIS A 59 10.58 0.59 21.63
N ASP A 60 9.89 1.33 20.74
CA ASP A 60 8.72 2.12 21.14
C ASP A 60 7.66 1.21 21.76
N ARG A 61 7.52 -0.05 21.30
CA ARG A 61 6.58 -1.02 21.86
C ARG A 61 7.23 -1.82 23.00
N ASN A 62 8.54 -1.62 23.23
CA ASN A 62 9.23 -2.26 24.34
C ASN A 62 9.04 -3.80 24.29
N GLU A 63 9.12 -4.39 23.09
CA GLU A 63 9.06 -5.85 22.93
C GLU A 63 9.48 -6.23 21.50
N PRO A 64 10.06 -7.44 21.25
CA PRO A 64 10.38 -7.86 19.89
C PRO A 64 9.16 -7.83 19.00
N PHE A 65 9.39 -7.55 17.69
CA PHE A 65 8.35 -7.62 16.68
C PHE A 65 8.38 -9.03 16.11
N VAL A 66 7.19 -9.63 15.97
CA VAL A 66 7.06 -11.03 15.56
C VAL A 66 6.16 -11.08 14.34
N PHE A 67 6.54 -11.88 13.34
CA PHE A 67 5.73 -12.08 12.15
C PHE A 67 6.10 -13.43 11.50
N SER A 68 5.24 -13.91 10.59
CA SER A 68 5.45 -15.19 9.91
C SER A 68 6.06 -14.87 8.56
N LEU A 69 7.25 -15.41 8.31
CA LEU A 69 8.02 -15.04 7.14
C LEU A 69 7.32 -15.52 5.87
N GLY A 70 7.25 -14.57 4.92
CA GLY A 70 6.79 -14.84 3.58
C GLY A 70 5.27 -14.86 3.44
N LYS A 71 4.53 -14.42 4.47
CA LYS A 71 3.07 -14.46 4.45
C LYS A 71 2.51 -13.08 4.06
N GLY A 72 3.35 -12.10 3.73
CA GLY A 72 2.85 -10.79 3.33
C GLY A 72 2.22 -10.01 4.50
N GLN A 73 2.61 -10.32 5.75
CA GLN A 73 2.19 -9.54 6.92
C GLN A 73 3.03 -8.26 7.00
N VAL A 74 4.14 -8.23 6.25
CA VAL A 74 5.04 -7.11 6.16
C VAL A 74 5.28 -6.81 4.70
N ILE A 75 5.96 -5.70 4.42
CA ILE A 75 6.29 -5.31 3.06
C ILE A 75 7.20 -6.37 2.42
N LYS A 76 7.23 -6.34 1.09
CA LYS A 76 7.96 -7.35 0.35
C LYS A 76 9.42 -7.36 0.78
N ALA A 77 10.00 -6.17 0.93
CA ALA A 77 11.41 -6.08 1.27
C ALA A 77 11.73 -6.87 2.53
N TRP A 78 10.81 -6.87 3.52
CA TRP A 78 11.06 -7.61 4.74
C TRP A 78 11.06 -9.12 4.57
N ASP A 79 10.05 -9.65 3.84
CA ASP A 79 9.94 -11.06 3.55
C ASP A 79 11.19 -11.51 2.78
N ILE A 80 11.65 -10.71 1.81
CA ILE A 80 12.88 -11.05 1.06
C ILE A 80 14.13 -10.88 1.94
N GLY A 81 14.19 -9.76 2.66
CA GLY A 81 15.36 -9.35 3.44
C GLY A 81 15.63 -10.25 4.66
N VAL A 82 14.61 -10.51 5.50
CA VAL A 82 14.80 -11.31 6.67
C VAL A 82 15.09 -12.78 6.31
N ALA A 83 14.58 -13.29 5.16
CA ALA A 83 14.91 -14.62 4.67
C ALA A 83 16.40 -14.82 4.46
N THR A 84 17.18 -13.74 4.26
CA THR A 84 18.59 -13.84 4.00
C THR A 84 19.43 -13.83 5.29
N MET A 85 18.82 -13.62 6.46
CA MET A 85 19.59 -13.27 7.63
C MET A 85 19.78 -14.48 8.53
N LYS A 86 20.91 -14.43 9.24
CA LYS A 86 21.25 -15.45 10.22
C LYS A 86 20.81 -14.97 11.60
N LYS A 87 20.64 -15.93 12.52
CA LYS A 87 20.29 -15.58 13.89
C LYS A 87 21.45 -14.78 14.48
N GLY A 88 21.10 -13.63 15.09
CA GLY A 88 22.06 -12.68 15.65
C GLY A 88 22.52 -11.61 14.69
N GLU A 89 22.19 -11.74 13.40
CA GLU A 89 22.62 -10.78 12.39
C GLU A 89 21.88 -9.44 12.55
N ILE A 90 22.65 -8.36 12.29
CA ILE A 90 22.07 -7.06 12.08
C ILE A 90 22.35 -6.63 10.66
N ALA A 91 21.26 -6.19 9.97
CA ALA A 91 21.37 -5.82 8.59
C ALA A 91 20.63 -4.50 8.37
N HIS A 92 21.16 -3.75 7.42
CA HIS A 92 20.48 -2.56 6.91
C HIS A 92 19.85 -2.87 5.56
N LEU A 93 18.62 -2.34 5.36
CA LEU A 93 17.93 -2.50 4.09
C LEU A 93 17.51 -1.15 3.53
N LEU A 94 17.90 -0.83 2.29
CA LEU A 94 17.44 0.34 1.56
C LEU A 94 16.41 -0.10 0.52
N ILE A 95 15.20 0.49 0.63
CA ILE A 95 14.07 -0.12 -0.02
C ILE A 95 13.33 0.89 -0.88
N LYS A 96 13.33 0.62 -2.18
CA LYS A 96 12.59 1.43 -3.14
C LYS A 96 11.10 1.15 -2.98
N PRO A 97 10.19 2.05 -3.46
CA PRO A 97 8.77 1.90 -3.21
C PRO A 97 8.15 0.62 -3.73
N GLU A 98 8.69 0.08 -4.82
CA GLU A 98 8.15 -1.15 -5.39
C GLU A 98 8.19 -2.33 -4.44
N TYR A 99 9.06 -2.28 -3.43
CA TYR A 99 9.17 -3.37 -2.47
C TYR A 99 8.68 -2.90 -1.10
N ALA A 100 7.95 -1.76 -1.09
CA ALA A 100 7.37 -1.24 0.14
C ALA A 100 5.89 -0.89 -0.10
N TYR A 101 5.57 0.41 -0.19
CA TYR A 101 4.19 0.83 -0.36
C TYR A 101 3.84 1.45 -1.71
N GLY A 102 4.78 1.46 -2.67
CA GLY A 102 4.45 1.65 -4.06
C GLY A 102 3.98 3.07 -4.35
N SER A 103 3.35 3.21 -5.51
CA SER A 103 2.84 4.50 -5.90
C SER A 103 1.55 4.88 -5.15
N ALA A 104 0.76 3.92 -4.59
CA ALA A 104 -0.38 4.28 -3.79
C ALA A 104 0.03 4.91 -2.45
N GLY A 105 1.14 4.44 -1.90
CA GLY A 105 1.55 4.85 -0.56
C GLY A 105 0.65 4.20 0.46
N SER A 106 0.73 4.75 1.66
CA SER A 106 -0.07 4.28 2.78
C SER A 106 -0.23 5.43 3.77
N LEU A 107 -1.06 6.41 3.35
CA LEU A 107 -1.31 7.59 4.12
C LEU A 107 -2.09 7.29 5.39
N PRO A 108 -1.91 8.12 6.45
CA PRO A 108 -1.01 9.27 6.43
C PRO A 108 0.47 8.96 6.69
N LYS A 109 0.83 7.76 7.13
CA LYS A 109 2.24 7.45 7.44
C LYS A 109 3.21 7.50 6.26
N ILE A 110 2.84 6.92 5.13
CA ILE A 110 3.78 6.66 4.05
C ILE A 110 3.26 7.36 2.78
N PRO A 111 4.01 8.34 2.24
CA PRO A 111 3.60 9.02 1.00
C PRO A 111 3.82 8.15 -0.22
N SER A 112 3.18 8.51 -1.34
CA SER A 112 3.50 7.82 -2.60
C SER A 112 5.01 7.79 -2.89
N ASN A 113 5.44 6.66 -3.46
CA ASN A 113 6.79 6.50 -4.00
C ASN A 113 7.89 6.73 -2.95
N ALA A 114 7.61 6.37 -1.72
CA ALA A 114 8.55 6.57 -0.63
C ALA A 114 9.67 5.51 -0.66
N THR A 115 10.88 5.93 -0.33
CA THR A 115 11.99 5.01 -0.08
C THR A 115 12.07 4.82 1.42
N LEU A 116 12.31 3.57 1.89
CA LEU A 116 12.35 3.25 3.30
C LEU A 116 13.73 2.69 3.65
N PHE A 117 14.09 2.91 4.90
CA PHE A 117 15.34 2.38 5.45
C PHE A 117 15.00 1.65 6.73
N PHE A 118 15.63 0.46 6.90
CA PHE A 118 15.50 -0.25 8.16
C PHE A 118 16.83 -0.85 8.62
N GLU A 119 17.04 -0.84 9.92
CA GLU A 119 18.02 -1.69 10.55
C GLU A 119 17.21 -2.77 11.25
N ILE A 120 17.56 -4.04 11.01
CA ILE A 120 16.85 -5.17 11.58
C ILE A 120 17.88 -6.11 12.21
N GLU A 121 17.56 -6.50 13.43
CA GLU A 121 18.30 -7.52 14.16
C GLU A 121 17.43 -8.76 14.28
N LEU A 122 17.94 -9.86 13.71
CA LEU A 122 17.24 -11.12 13.77
C LEU A 122 17.61 -11.77 15.08
N LEU A 123 16.63 -11.90 15.97
CA LEU A 123 16.86 -12.42 17.31
C LEU A 123 16.71 -13.94 17.34
N ASP A 124 15.70 -14.47 16.63
CA ASP A 124 15.37 -15.89 16.67
C ASP A 124 14.35 -16.20 15.58
N PHE A 125 14.18 -17.50 15.31
CA PHE A 125 13.11 -17.95 14.44
C PHE A 125 12.81 -19.40 14.76
N LYS A 126 11.53 -19.77 14.58
CA LYS A 126 11.03 -21.06 14.99
C LYS A 126 10.15 -21.58 13.85
N GLY A 127 10.33 -22.85 13.46
CA GLY A 127 9.43 -23.53 12.57
C GLY A 127 8.06 -23.67 13.25
N GLU A 128 7.05 -22.96 12.70
CA GLU A 128 5.64 -23.20 13.02
C GLU A 128 5.21 -24.51 12.34
N GLY B 1 -21.52 19.74 -13.22
CA GLY B 1 -20.80 18.54 -13.70
C GLY B 1 -21.00 17.40 -12.70
N ALA B 2 -20.49 16.21 -13.04
CA ALA B 2 -20.64 15.06 -12.18
C ALA B 2 -20.00 15.33 -10.82
N PRO B 3 -18.75 15.87 -10.75
CA PRO B 3 -18.12 16.13 -9.45
C PRO B 3 -18.99 17.04 -8.60
N ALA B 4 -19.56 18.06 -9.22
CA ALA B 4 -20.46 18.97 -8.55
C ALA B 4 -21.71 18.31 -7.95
N THR B 5 -22.34 17.41 -8.72
CA THR B 5 -23.50 16.60 -8.30
C THR B 5 -23.11 15.75 -7.08
N VAL B 6 -21.87 15.28 -7.07
CA VAL B 6 -21.42 14.48 -5.95
C VAL B 6 -21.25 15.36 -4.72
N THR B 7 -20.61 16.52 -4.85
CA THR B 7 -20.61 17.50 -3.76
C THR B 7 -22.04 17.71 -3.30
N GLU B 8 -22.96 17.87 -4.27
CA GLU B 8 -24.34 18.24 -3.94
C GLU B 8 -25.11 17.08 -3.28
N GLN B 9 -25.05 15.85 -3.83
CA GLN B 9 -26.00 14.80 -3.45
C GLN B 9 -25.30 13.66 -2.72
N GLY B 10 -23.98 13.53 -2.88
CA GLY B 10 -23.20 12.38 -2.40
C GLY B 10 -23.30 12.08 -0.91
N GLU B 11 -23.33 10.76 -0.61
CA GLU B 11 -23.32 10.24 0.75
C GLU B 11 -21.88 10.34 1.26
N ASP B 12 -21.70 10.83 2.49
CA ASP B 12 -20.36 10.79 3.09
C ASP B 12 -20.10 9.40 3.66
N ILE B 13 -19.14 8.68 3.06
CA ILE B 13 -18.93 7.29 3.43
C ILE B 13 -17.68 7.12 4.30
N THR B 14 -17.09 8.21 4.79
CA THR B 14 -15.98 8.10 5.73
C THR B 14 -16.51 7.74 7.14
N SER B 15 -15.63 7.10 7.94
CA SER B 15 -15.93 6.80 9.34
C SER B 15 -15.94 8.05 10.21
N LYS B 16 -14.96 8.92 9.94
CA LYS B 16 -14.81 10.18 10.66
C LYS B 16 -15.87 11.22 10.27
N LYS B 17 -16.57 11.00 9.15
CA LYS B 17 -17.58 11.92 8.64
C LYS B 17 -17.00 13.30 8.40
N ASP B 18 -15.93 13.33 7.62
CA ASP B 18 -15.17 14.53 7.35
C ASP B 18 -15.33 14.88 5.88
N ARG B 19 -16.32 14.28 5.21
CA ARG B 19 -16.60 14.51 3.79
C ARG B 19 -15.38 14.21 2.92
N GLY B 20 -14.47 13.30 3.37
CA GLY B 20 -13.25 12.93 2.65
C GLY B 20 -13.48 12.10 1.39
N VAL B 21 -14.54 11.33 1.41
CA VAL B 21 -14.93 10.43 0.33
C VAL B 21 -16.45 10.57 0.26
N LEU B 22 -16.98 11.10 -0.85
CA LEU B 22 -18.41 11.21 -1.08
C LEU B 22 -18.79 10.35 -2.29
N LYS B 23 -19.99 9.74 -2.22
CA LYS B 23 -20.40 8.70 -3.14
C LYS B 23 -21.81 8.95 -3.68
N ILE B 24 -22.01 8.79 -5.00
CA ILE B 24 -23.36 8.64 -5.57
C ILE B 24 -23.44 7.34 -6.35
N VAL B 25 -24.48 6.54 -6.05
CA VAL B 25 -24.72 5.35 -6.84
C VAL B 25 -25.41 5.82 -8.12
N LYS B 26 -24.81 5.55 -9.28
CA LYS B 26 -25.41 5.93 -10.55
C LYS B 26 -26.18 4.77 -11.19
N ARG B 27 -25.71 3.53 -11.08
CA ARG B 27 -26.44 2.39 -11.64
C ARG B 27 -26.43 1.28 -10.60
N VAL B 28 -27.60 0.78 -10.19
CA VAL B 28 -27.68 -0.11 -9.05
C VAL B 28 -27.22 -1.51 -9.45
N GLY B 29 -26.59 -2.20 -8.50
CA GLY B 29 -26.02 -3.52 -8.73
C GLY B 29 -26.92 -4.63 -8.18
N ASN B 30 -26.51 -5.87 -8.46
CA ASN B 30 -27.30 -7.05 -8.17
C ASN B 30 -26.64 -7.85 -7.05
N GLY B 31 -27.46 -8.51 -6.22
CA GLY B 31 -26.99 -9.17 -5.02
C GLY B 31 -26.93 -8.19 -3.85
N GLU B 32 -26.84 -8.76 -2.64
CA GLU B 32 -26.80 -8.01 -1.39
C GLU B 32 -25.34 -7.88 -0.92
N GLU B 33 -24.44 -8.77 -1.38
CA GLU B 33 -23.06 -8.87 -0.90
C GLU B 33 -22.19 -7.75 -1.49
N THR B 34 -21.49 -7.03 -0.60
CA THR B 34 -20.44 -6.08 -0.97
C THR B 34 -19.11 -6.75 -0.63
N PRO B 35 -17.98 -6.37 -1.26
CA PRO B 35 -16.74 -7.12 -1.05
C PRO B 35 -16.18 -6.93 0.36
N MET B 36 -15.55 -8.01 0.86
CA MET B 36 -14.88 -8.02 2.15
C MET B 36 -13.39 -7.78 1.90
N ILE B 37 -12.70 -7.32 2.95
CA ILE B 37 -11.28 -7.10 2.89
C ILE B 37 -10.59 -8.39 2.44
N GLY B 38 -9.68 -8.26 1.45
CA GLY B 38 -8.90 -9.38 0.96
C GLY B 38 -9.46 -9.94 -0.36
N ASP B 39 -10.70 -9.60 -0.68
CA ASP B 39 -11.31 -10.07 -1.92
C ASP B 39 -10.50 -9.53 -3.11
N LYS B 40 -10.34 -10.36 -4.16
CA LYS B 40 -9.85 -9.90 -5.47
C LYS B 40 -11.01 -9.18 -6.15
N VAL B 41 -10.80 -7.93 -6.58
CA VAL B 41 -11.87 -7.09 -7.09
C VAL B 41 -11.55 -6.67 -8.54
N TYR B 42 -12.58 -6.65 -9.38
CA TYR B 42 -12.43 -6.38 -10.82
C TYR B 42 -13.27 -5.17 -11.16
N VAL B 43 -12.67 -4.08 -11.70
CA VAL B 43 -13.43 -2.84 -11.94
C VAL B 43 -13.11 -2.25 -13.31
N HIS B 44 -14.03 -1.42 -13.82
CA HIS B 44 -13.70 -0.40 -14.81
C HIS B 44 -13.84 0.97 -14.15
N TYR B 45 -13.02 1.93 -14.53
CA TYR B 45 -13.03 3.25 -13.91
C TYR B 45 -12.62 4.36 -14.90
N LYS B 46 -13.08 5.57 -14.61
CA LYS B 46 -12.54 6.80 -15.16
C LYS B 46 -12.21 7.75 -14.02
N GLY B 47 -11.03 8.36 -14.05
CA GLY B 47 -10.65 9.26 -12.97
C GLY B 47 -10.14 10.59 -13.52
N LYS B 48 -10.21 11.64 -12.70
CA LYS B 48 -9.57 12.88 -13.08
C LYS B 48 -9.19 13.69 -11.85
N LEU B 49 -8.30 14.65 -12.05
CA LEU B 49 -7.95 15.63 -11.05
C LEU B 49 -9.05 16.67 -11.04
N SER B 50 -9.31 17.29 -9.89
CA SER B 50 -10.15 18.51 -9.91
C SER B 50 -9.58 19.65 -10.74
N ASN B 51 -8.25 19.77 -10.95
CA ASN B 51 -7.72 20.87 -11.73
C ASN B 51 -8.00 20.67 -13.24
N GLY B 52 -8.55 19.51 -13.61
CA GLY B 52 -8.93 19.16 -14.98
C GLY B 52 -7.75 18.93 -15.93
N LYS B 53 -6.53 18.79 -15.37
CA LYS B 53 -5.35 18.78 -16.22
C LYS B 53 -5.03 17.33 -16.57
N LYS B 54 -5.66 16.32 -15.91
CA LYS B 54 -5.33 14.91 -16.12
C LYS B 54 -6.56 14.02 -15.98
N PHE B 55 -6.64 13.03 -16.88
CA PHE B 55 -7.74 12.07 -16.99
C PHE B 55 -7.22 10.67 -17.27
N ASP B 56 -7.79 9.68 -16.61
CA ASP B 56 -7.33 8.30 -16.78
C ASP B 56 -8.53 7.39 -16.82
N SER B 57 -8.42 6.30 -17.58
CA SER B 57 -9.53 5.37 -17.69
C SER B 57 -9.00 3.95 -17.89
N SER B 58 -9.69 2.99 -17.25
CA SER B 58 -9.38 1.57 -17.46
C SER B 58 -9.82 1.16 -18.87
N HIS B 59 -11.01 1.64 -19.30
CA HIS B 59 -11.62 1.23 -20.56
C HIS B 59 -10.70 1.59 -21.72
N ASP B 60 -9.88 2.65 -21.55
CA ASP B 60 -8.83 3.04 -22.49
C ASP B 60 -7.89 1.86 -22.77
N ARG B 61 -7.57 1.04 -21.75
CA ARG B 61 -6.74 -0.15 -21.88
C ARG B 61 -7.57 -1.39 -22.25
N ASN B 62 -8.90 -1.26 -22.25
CA ASN B 62 -9.86 -2.28 -22.68
C ASN B 62 -10.01 -3.42 -21.66
N GLU B 63 -9.24 -3.43 -20.54
CA GLU B 63 -9.12 -4.61 -19.69
C GLU B 63 -9.36 -4.19 -18.24
N PRO B 64 -10.07 -5.01 -17.44
CA PRO B 64 -10.42 -4.57 -16.08
C PRO B 64 -9.18 -4.19 -15.29
N PHE B 65 -9.38 -3.32 -14.30
CA PHE B 65 -8.36 -3.02 -13.30
C PHE B 65 -8.65 -3.94 -12.13
N VAL B 66 -7.61 -4.67 -11.66
CA VAL B 66 -7.81 -5.68 -10.63
C VAL B 66 -6.90 -5.33 -9.46
N PHE B 67 -7.46 -5.45 -8.25
CA PHE B 67 -6.69 -5.21 -7.03
C PHE B 67 -7.37 -5.97 -5.90
N SER B 68 -6.61 -6.15 -4.81
CA SER B 68 -7.09 -6.88 -3.65
C SER B 68 -7.58 -5.83 -2.67
N LEU B 69 -8.85 -5.94 -2.31
CA LEU B 69 -9.53 -4.92 -1.56
C LEU B 69 -8.91 -4.85 -0.16
N GLY B 70 -8.66 -3.61 0.26
CA GLY B 70 -8.30 -3.29 1.62
C GLY B 70 -6.83 -3.58 1.94
N LYS B 71 -6.00 -3.79 0.90
CA LYS B 71 -4.60 -4.13 1.08
C LYS B 71 -3.75 -2.89 0.83
N GLY B 72 -4.36 -1.73 0.59
CA GLY B 72 -3.58 -0.52 0.33
C GLY B 72 -2.84 -0.56 -1.01
N GLN B 73 -3.25 -1.41 -1.98
CA GLN B 73 -2.73 -1.41 -3.35
C GLN B 73 -3.32 -0.23 -4.16
N VAL B 74 -4.36 0.39 -3.60
CA VAL B 74 -4.95 1.62 -4.11
C VAL B 74 -5.02 2.65 -2.98
N ILE B 75 -5.38 3.89 -3.33
CA ILE B 75 -5.64 4.94 -2.36
C ILE B 75 -6.76 4.50 -1.39
N LYS B 76 -6.74 5.10 -0.19
CA LYS B 76 -7.65 4.72 0.89
C LYS B 76 -9.07 4.91 0.39
N ALA B 77 -9.35 6.00 -0.31
CA ALA B 77 -10.70 6.28 -0.81
C ALA B 77 -11.27 5.11 -1.59
N TRP B 78 -10.42 4.40 -2.36
CA TRP B 78 -10.91 3.27 -3.11
C TRP B 78 -11.23 2.05 -2.23
N ASP B 79 -10.35 1.73 -1.29
CA ASP B 79 -10.60 0.68 -0.36
C ASP B 79 -11.92 0.95 0.41
N ILE B 80 -12.17 2.21 0.82
CA ILE B 80 -13.40 2.59 1.49
C ILE B 80 -14.60 2.54 0.52
N GLY B 81 -14.43 3.12 -0.67
CA GLY B 81 -15.57 3.27 -1.59
C GLY B 81 -15.98 1.98 -2.28
N VAL B 82 -15.01 1.18 -2.79
CA VAL B 82 -15.34 -0.05 -3.49
C VAL B 82 -15.92 -1.08 -2.51
N ALA B 83 -15.55 -1.01 -1.20
CA ALA B 83 -16.15 -1.86 -0.18
C ALA B 83 -17.66 -1.67 -0.05
N THR B 84 -18.19 -0.50 -0.46
CA THR B 84 -19.61 -0.22 -0.38
C THR B 84 -20.40 -0.71 -1.61
N MET B 85 -19.77 -1.27 -2.64
CA MET B 85 -20.44 -1.49 -3.92
C MET B 85 -20.92 -2.94 -4.10
N LYS B 86 -21.97 -3.14 -4.93
CA LYS B 86 -22.49 -4.46 -5.29
C LYS B 86 -22.11 -4.81 -6.73
N LYS B 87 -22.09 -6.11 -7.07
CA LYS B 87 -21.71 -6.58 -8.40
C LYS B 87 -22.64 -5.92 -9.43
N GLY B 88 -22.05 -5.21 -10.42
CA GLY B 88 -22.82 -4.53 -11.46
C GLY B 88 -23.05 -3.04 -11.19
N GLU B 89 -22.76 -2.59 -9.97
CA GLU B 89 -22.95 -1.19 -9.62
C GLU B 89 -21.96 -0.23 -10.33
N ILE B 90 -22.46 0.96 -10.67
CA ILE B 90 -21.63 2.10 -11.06
C ILE B 90 -21.81 3.21 -10.05
N ALA B 91 -20.67 3.78 -9.59
CA ALA B 91 -20.71 4.86 -8.62
C ALA B 91 -19.73 5.96 -9.03
N HIS B 92 -20.02 7.14 -8.49
CA HIS B 92 -19.15 8.29 -8.51
C HIS B 92 -18.59 8.55 -7.11
N LEU B 93 -17.30 8.87 -7.04
CA LEU B 93 -16.62 9.21 -5.80
C LEU B 93 -15.93 10.53 -5.97
N LEU B 94 -16.07 11.43 -5.00
CA LEU B 94 -15.27 12.64 -4.94
C LEU B 94 -14.42 12.61 -3.68
N ILE B 95 -13.09 12.86 -3.84
CA ILE B 95 -12.10 12.46 -2.84
C ILE B 95 -11.15 13.61 -2.47
N LYS B 96 -11.12 13.96 -1.17
CA LYS B 96 -10.21 14.94 -0.66
C LYS B 96 -8.80 14.36 -0.52
N PRO B 97 -7.72 15.20 -0.47
CA PRO B 97 -6.35 14.71 -0.53
C PRO B 97 -5.99 13.75 0.59
N GLU B 98 -6.61 13.92 1.76
CA GLU B 98 -6.30 13.07 2.90
C GLU B 98 -6.54 11.59 2.58
N TYR B 99 -7.47 11.30 1.67
CA TYR B 99 -7.86 9.95 1.32
C TYR B 99 -7.33 9.57 -0.10
N ALA B 100 -6.46 10.38 -0.65
CA ALA B 100 -5.80 10.13 -1.94
C ALA B 100 -4.29 10.20 -1.77
N TYR B 101 -3.63 11.29 -2.18
CA TYR B 101 -2.19 11.39 -2.19
C TYR B 101 -1.62 12.46 -1.26
N GLY B 102 -2.48 13.11 -0.48
CA GLY B 102 -2.08 13.94 0.65
C GLY B 102 -1.30 15.18 0.23
N SER B 103 -0.51 15.72 1.19
CA SER B 103 0.29 16.89 0.91
C SER B 103 1.46 16.58 -0.02
N ALA B 104 2.04 15.37 0.03
CA ALA B 104 3.19 15.06 -0.81
C ALA B 104 2.79 14.89 -2.28
N GLY B 105 1.58 14.45 -2.53
CA GLY B 105 1.19 14.21 -3.90
C GLY B 105 1.91 13.00 -4.45
N SER B 106 1.96 12.92 -5.79
CA SER B 106 2.75 11.93 -6.49
C SER B 106 3.23 12.56 -7.80
N LEU B 107 4.24 13.42 -7.68
CA LEU B 107 4.55 14.35 -8.74
C LEU B 107 5.31 13.68 -9.88
N PRO B 108 5.11 14.16 -11.14
CA PRO B 108 4.22 15.28 -11.43
C PRO B 108 2.76 14.89 -11.71
N LYS B 109 2.43 13.60 -11.74
CA LYS B 109 1.09 13.13 -12.13
C LYS B 109 -0.03 13.58 -11.18
N ILE B 110 0.26 13.54 -9.87
CA ILE B 110 -0.70 14.04 -8.91
C ILE B 110 -0.05 15.16 -8.12
N PRO B 111 -0.62 16.40 -8.17
CA PRO B 111 -0.07 17.53 -7.43
C PRO B 111 -0.25 17.38 -5.94
N SER B 112 0.44 18.22 -5.19
CA SER B 112 0.24 18.35 -3.74
C SER B 112 -1.23 18.68 -3.47
N ASN B 113 -1.86 18.03 -2.48
CA ASN B 113 -3.14 18.44 -1.92
C ASN B 113 -4.23 18.37 -3.00
N ALA B 114 -4.15 17.38 -3.91
CA ALA B 114 -5.10 17.24 -5.00
C ALA B 114 -6.39 16.58 -4.54
N THR B 115 -7.54 17.09 -5.03
CA THR B 115 -8.81 16.39 -4.93
C THR B 115 -9.00 15.59 -6.23
N LEU B 116 -9.57 14.39 -6.15
CA LEU B 116 -9.78 13.50 -7.30
C LEU B 116 -11.25 13.13 -7.43
N PHE B 117 -11.64 12.82 -8.67
CA PHE B 117 -12.95 12.28 -8.96
C PHE B 117 -12.84 10.98 -9.72
N PHE B 118 -13.74 10.04 -9.41
CA PHE B 118 -13.78 8.79 -10.14
C PHE B 118 -15.19 8.33 -10.41
N GLU B 119 -15.38 7.74 -11.60
CA GLU B 119 -16.52 6.88 -11.85
C GLU B 119 -16.02 5.45 -11.84
N ILE B 120 -16.67 4.55 -11.08
CA ILE B 120 -16.20 3.18 -10.94
C ILE B 120 -17.39 2.24 -11.22
N GLU B 121 -17.11 1.18 -11.97
CA GLU B 121 -18.03 0.08 -12.16
C GLU B 121 -17.46 -1.20 -11.58
N LEU B 122 -18.21 -1.77 -10.62
CA LEU B 122 -17.79 -3.00 -10.00
C LEU B 122 -18.31 -4.13 -10.86
N LEU B 123 -17.39 -4.86 -11.46
CA LEU B 123 -17.71 -5.93 -12.40
C LEU B 123 -17.97 -7.22 -11.61
N ASP B 124 -17.03 -7.57 -10.70
CA ASP B 124 -17.10 -8.81 -9.95
C ASP B 124 -16.12 -8.76 -8.78
N PHE B 125 -16.25 -9.74 -7.87
CA PHE B 125 -15.24 -9.96 -6.85
C PHE B 125 -15.26 -11.38 -6.33
N LYS B 126 -14.07 -11.88 -5.98
CA LYS B 126 -13.83 -13.28 -5.70
C LYS B 126 -13.00 -13.38 -4.42
N GLY B 127 -13.18 -14.47 -3.68
CA GLY B 127 -12.54 -14.62 -2.39
C GLY B 127 -11.04 -14.87 -2.51
N GLU B 128 -10.27 -14.22 -1.62
CA GLU B 128 -9.00 -14.76 -1.18
C GLU B 128 -9.18 -16.30 -1.09
CAK A1IN2 C . 6.47 3.61 9.73
CAL A1IN2 C . 7.11 4.78 9.22
CAM A1IN2 C . 8.62 4.75 9.19
CAN A1IN2 C . 9.08 3.59 8.32
CAO A1IN2 C . 8.54 2.33 8.80
CAJ A1IN2 C . 6.96 2.37 8.91
CAI A1IN2 C . 6.46 1.01 9.44
CAB A1IN2 C . 6.57 -0.08 8.48
OAA A1IN2 C . 6.69 0.13 7.29
N A1IN2 C . 6.78 -1.36 8.86
CAH A1IN2 C . 6.62 -1.70 10.33
CAG A1IN2 C . 7.56 -2.78 10.82
CAF A1IN2 C . 7.43 -3.96 9.85
CB A1IN2 C . 7.90 -3.47 8.51
CA A1IN2 C . 6.95 -2.47 7.88
C A1IN2 C . 5.65 -3.04 7.55
O A1IN2 C . 5.57 -3.92 6.72
OBB A1IN2 C . 4.55 -2.49 8.20
CBA A1IN2 C . 3.26 -2.94 7.67
CAZ A1IN2 C . 2.27 -2.37 8.52
OAY A1IN2 C . 2.13 -3.32 9.62
CAX A1IN2 C . 1.02 -2.97 10.49
CBI A1IN2 C . 1.09 -1.77 11.30
CAW A1IN2 C . 0.27 -0.62 11.09
CBJ A1IN2 C . 0.30 0.57 11.81
OAV A1IN2 C . 1.02 1.62 11.07
CAU A1IN2 C . 2.32 1.43 10.66
CAR A1IN2 C . 2.65 1.35 9.30
OAS A1IN2 C . 1.58 1.39 8.47
CAT A1IN2 C . 1.92 1.37 7.10
CAQ A1IN2 C . 4.01 1.18 8.87
CAP A1IN2 C . 5.02 1.11 9.85
CBH A1IN2 C . 4.67 1.23 11.20
CBE A1IN2 C . 3.34 1.41 11.61
OBF A1IN2 C . 2.96 1.52 12.93
CBG A1IN2 C . 3.99 1.72 13.93
HAK A1IN2 C . 5.45 3.59 9.50
HB6 A1IN2 C . 6.73 3.18 10.75
HAL A1IN2 C . 6.80 5.63 9.82
HB7 A1IN2 C . 6.76 4.94 8.20
HAM A1IN2 C . 9.00 4.61 10.21
HB8 A1IN2 C . 9.00 5.69 8.79
HAN A1IN2 C . 10.17 3.54 8.34
HB9 A1IN2 C . 8.75 3.76 7.30
HCA A1IN2 C . 8.67 1.57 8.11
HAO A1IN2 C . 8.81 2.06 9.79
HAJ A1IN2 C . 6.57 2.51 7.90
HAI A1IN2 C . 7.06 0.79 10.31
HAH A1IN2 C . 5.60 -2.04 10.50
HB5 A1IN2 C . 6.80 -0.85 10.97
HAG A1IN2 C . 7.28 -3.29 11.72
HB4 A1IN2 C . 8.58 -2.56 10.72
HAF A1IN2 C . 6.44 -4.23 9.62
HB3 A1IN2 C . 8.09 -4.75 10.01
HB2 A1IN2 C . 8.79 -2.94 8.52
HB1 A1IN2 C . 7.90 -4.28 7.86
HA A1IN2 C . 7.42 -2.09 6.97
HCF A1IN2 C . 3.02 -2.48 6.76
HBA A1IN2 C . 3.01 -3.95 7.64
HCE A1IN2 C . 2.62 -1.59 9.10
HAZ A1IN2 C . 1.38 -2.07 7.96
HCD A1IN2 C . 0.14 -2.87 9.85
HAX A1IN2 C . 0.86 -3.80 11.17
HBI A1IN2 C . 1.81 -1.73 12.11
HAW A1IN2 C . -0.44 -0.67 10.28
HBJ A1IN2 C . 0.82 0.49 12.71
HCI A1IN2 C . -0.65 0.99 11.93
HCC A1IN2 C . 1.00 1.49 6.51
HAT A1IN2 C . 2.36 0.41 6.84
HCB A1IN2 C . 2.59 2.19 6.86
HAQ A1IN2 C . 4.27 1.10 7.82
HBH A1IN2 C . 5.46 1.21 11.92
HCH A1IN2 C . 3.52 1.96 14.88
HBG A1IN2 C . 4.65 2.52 13.64
HCG A1IN2 C . 4.56 0.80 14.04
CAK A1IN2 D . -4.55 9.28 -12.59
CAL A1IN2 D . -4.51 10.73 -12.62
CAM A1IN2 D . -5.98 11.24 -12.58
CAN A1IN2 D . -6.52 10.81 -11.24
CAO A1IN2 D . -6.54 9.32 -11.03
CAJ A1IN2 D . -5.07 8.82 -11.31
CAI A1IN2 D . -4.88 7.25 -11.09
CAB A1IN2 D . -5.20 6.85 -9.72
OAA A1IN2 D . -5.07 7.61 -8.74
N A1IN2 D . -5.63 5.63 -9.41
CAH A1IN2 D . -5.71 4.61 -10.39
CAG A1IN2 D . -6.79 3.61 -10.25
CAF A1IN2 D . -6.92 3.08 -8.85
CB A1IN2 D . -7.08 4.31 -7.90
CA A1IN2 D . -5.86 5.23 -8.02
C A1IN2 D . -4.73 4.58 -7.37
O A1IN2 D . -4.82 4.12 -6.22
OBB A1IN2 D . -3.67 4.46 -8.10
CBA A1IN2 D . -2.46 3.98 -7.39
CAZ A1IN2 D . -1.42 3.68 -8.37
OAY A1IN2 D . -1.87 2.59 -9.14
CAX A1IN2 D . -0.82 2.08 -9.92
CBI A1IN2 D . -0.54 2.73 -11.18
CAW A1IN2 D . 0.48 3.67 -11.33
CBJ A1IN2 D . 0.75 4.30 -12.60
OAV A1IN2 D . 0.43 5.69 -12.42
CAU A1IN2 D . -0.86 6.04 -12.00
CAR A1IN2 D . -1.07 6.65 -10.83
OAS A1IN2 D . 0.05 6.82 -10.09
CAT A1IN2 D . -0.22 7.52 -8.89
CAQ A1IN2 D . -2.39 7.09 -10.52
CAP A1IN2 D . -3.47 6.88 -11.43
CBH A1IN2 D . -3.20 6.24 -12.60
CBE A1IN2 D . -1.91 5.83 -12.89
OBF A1IN2 D . -1.54 5.27 -14.04
CBG A1IN2 D . -2.57 4.76 -14.88
HAK A1IN2 D . -3.64 8.86 -12.67
HB6 A1IN2 D . -5.18 9.14 -13.44
HAL A1IN2 D . -4.04 11.06 -13.56
HB7 A1IN2 D . -3.94 11.12 -11.79
HAM A1IN2 D . -6.57 10.81 -13.38
HB8 A1IN2 D . -6.00 12.33 -12.65
HAN A1IN2 D . -7.53 11.18 -11.13
HB9 A1IN2 D . -5.90 11.25 -10.45
HCA A1IN2 D . -6.70 9.00 -10.06
HAO A1IN2 D . -7.06 8.79 -11.78
HAJ A1IN2 D . -4.45 9.30 -10.55
HAI A1IN2 D . -5.55 6.78 -11.79
HAH A1IN2 D . -4.76 4.07 -10.39
HB5 A1IN2 D . -5.85 5.04 -11.37
HAG A1IN2 D . -6.63 2.76 -10.82
HB4 A1IN2 D . -7.74 4.03 -10.38
HAF A1IN2 D . -6.08 2.59 -8.43
HB3 A1IN2 D . -7.83 2.59 -8.67
HB2 A1IN2 D . -7.82 4.98 -8.21
HB1 A1IN2 D . -7.10 4.13 -6.90
HA A1IN2 D . -6.09 6.12 -7.42
HCF A1IN2 D . -1.96 4.73 -6.86
HBA A1IN2 D . -2.49 3.02 -6.82
HCE A1IN2 D . -1.16 4.37 -9.14
HAZ A1IN2 D . -0.66 3.06 -7.87
HCD A1IN2 D . 0.11 2.08 -9.33
HAX A1IN2 D . -1.06 1.04 -10.13
HBI A1IN2 D . -1.15 2.46 -12.05
HAW A1IN2 D . 1.09 3.93 -10.47
HBJ A1IN2 D . 0.14 3.96 -13.37
HCI A1IN2 D . 1.77 4.32 -12.85
HCC A1IN2 D . 0.72 7.67 -8.36
HAT A1IN2 D . -0.88 6.94 -8.26
HCB A1IN2 D . -0.65 8.50 -9.10
HAQ A1IN2 D . -2.60 7.56 -9.56
HBH A1IN2 D . -4.01 6.06 -13.30
HCH A1IN2 D . -2.11 4.18 -15.68
HBG A1IN2 D . -3.12 5.58 -15.32
HCG A1IN2 D . -3.23 4.11 -14.31
#